data_3FJZ
#
_entry.id   3FJZ
#
_cell.length_a   57.580
_cell.length_b   85.380
_cell.length_c   87.780
_cell.angle_alpha   90.00
_cell.angle_beta   90.00
_cell.angle_gamma   90.00
#
_symmetry.space_group_name_H-M   'P 21 21 21'
#
loop_
_entity.id
_entity.type
_entity.pdbx_description
1 polymer '3-phosphoshikimate 1-carboxyvinyltransferase'
2 non-polymer SERINE
3 non-polymer N-(phosphonomethyl)glycine
4 non-polymer SHIKIMATE-3-PHOSPHATE
5 non-polymer 'FORMIC ACID'
6 water water
#
_entity_poly.entity_id   1
_entity_poly.type   'polypeptide(L)'
_entity_poly.pdbx_seq_one_letter_code
;MESLTLQPIARVDGTINLPGSKSVSNRALLLAALAHGKTVLTNLLDSDDVRHMLNALTALGVSYTLSADRTRCEIIGNGG
PLHAEGALELFLGNAGIAMRPLAAALCLGSNDIVLTGEPRMKERPIGHLVDALRLGGAKITYLEQENYPPLRLQGGFTGG
NVDVDGSVSSQFLTALLMTAPLAPEDTVIRIKGDLVSKPYIDITLNLMKTFGVEIENQHYQQFVVKGGQSYQSPGTYLVE
GDASSASYFLAAAAIKGGTVKVTGIGRNSMQGDIRFADVLEKMGATICWGDDYISCTRGELNAIDMDMNHIPDAAMTIAT
AALFAKGTTTLRNIYNWRVKETDRLFAMATELRKVGAEVEEGHDYIRITPPEKLNFAEIATYNDHRMAMCFSLVALSDTP
VTILDPKCTAKTFPDYFEQLARISQAA
;
_entity_poly.pdbx_strand_id   A
#
loop_
_chem_comp.id
_chem_comp.type
_chem_comp.name
_chem_comp.formula
FMT non-polymer 'FORMIC ACID' 'C H2 O2'
GPF non-polymer N-(phosphonomethyl)glycine 'C3 H8 N O5 P'
S3P non-polymer SHIKIMATE-3-PHOSPHATE 'C7 H11 O8 P'
#
# COMPACT_ATOMS: atom_id res chain seq x y z
N MET A 1 19.07 14.55 13.18
CA MET A 1 17.83 14.40 12.34
C MET A 1 18.07 14.95 10.94
N GLU A 2 17.94 14.09 9.93
CA GLU A 2 18.11 14.54 8.56
C GLU A 2 16.88 15.36 8.18
N SER A 3 17.05 16.22 7.21
CA SER A 3 15.93 17.02 6.73
C SER A 3 16.25 17.49 5.33
N LEU A 4 15.22 17.89 4.62
CA LEU A 4 15.36 18.41 3.28
C LEU A 4 14.44 19.63 3.19
N THR A 5 14.92 20.68 2.56
CA THR A 5 14.11 21.88 2.40
C THR A 5 13.75 22.04 0.92
N LEU A 6 12.46 22.15 0.64
CA LEU A 6 12.00 22.31 -0.72
C LEU A 6 11.73 23.77 -1.01
N GLN A 7 12.36 24.30 -2.06
CA GLN A 7 12.17 25.67 -2.49
C GLN A 7 10.81 25.76 -3.19
N PRO A 8 10.19 26.95 -3.20
CA PRO A 8 8.90 27.12 -3.86
C PRO A 8 9.03 26.66 -5.32
N ILE A 9 8.00 25.98 -5.80
CA ILE A 9 7.96 25.46 -7.17
C ILE A 9 6.96 26.30 -7.93
N ALA A 10 7.44 27.00 -8.97
CA ALA A 10 6.56 27.89 -9.72
C ALA A 10 5.53 27.20 -10.59
N ARG A 11 5.88 26.03 -11.12
CA ARG A 11 4.99 25.31 -12.01
C ARG A 11 5.48 23.88 -12.14
N VAL A 12 4.58 22.95 -12.39
CA VAL A 12 5.05 21.59 -12.63
C VAL A 12 4.54 21.19 -14.01
N ASP A 13 5.33 20.39 -14.70
CA ASP A 13 4.97 19.92 -16.02
C ASP A 13 5.97 18.84 -16.41
N GLY A 14 5.48 17.80 -17.07
CA GLY A 14 6.38 16.76 -17.50
C GLY A 14 5.81 15.36 -17.43
N THR A 15 6.71 14.40 -17.52
CA THR A 15 6.34 13.00 -17.48
C THR A 15 7.16 12.22 -16.48
N ILE A 16 6.48 11.37 -15.73
CA ILE A 16 7.13 10.52 -14.74
C ILE A 16 6.86 9.06 -15.06
N ASN A 17 7.92 8.25 -15.14
CA ASN A 17 7.73 6.80 -15.37
C ASN A 17 7.70 6.25 -13.96
N LEU A 18 6.52 5.77 -13.56
CA LEU A 18 6.33 5.32 -12.19
C LEU A 18 7.12 4.16 -11.72
N PRO A 19 7.43 4.13 -10.41
CA PRO A 19 8.17 3.01 -9.85
C PRO A 19 7.05 1.92 -9.76
N GLY A 20 7.44 0.67 -9.60
CA GLY A 20 6.45 -0.40 -9.51
C GLY A 20 5.53 -0.33 -8.31
N SER A 21 4.36 -0.95 -8.46
CA SER A 21 3.37 -0.97 -7.39
C SER A 21 3.84 -1.85 -6.23
N LYS A 22 3.80 -1.31 -5.02
CA LYS A 22 4.18 -2.06 -3.82
C LYS A 22 3.19 -3.21 -3.59
N SER A 23 1.90 -2.92 -3.73
CA SER A 23 0.84 -3.92 -3.54
C SER A 23 1.00 -5.10 -4.49
N VAL A 24 1.22 -4.81 -5.77
CA VAL A 24 1.38 -5.87 -6.75
C VAL A 24 2.72 -6.58 -6.56
N SER A 25 3.78 -5.80 -6.30
CA SER A 25 5.10 -6.40 -6.13
C SER A 25 5.16 -7.47 -5.05
N ASN A 26 4.67 -7.16 -3.86
CA ASN A 26 4.76 -8.15 -2.81
C ASN A 26 3.86 -9.35 -3.01
N ARG A 27 2.70 -9.14 -3.63
CA ARG A 27 1.82 -10.27 -3.90
C ARG A 27 2.48 -11.18 -4.95
N ALA A 28 3.03 -10.55 -6.00
CA ALA A 28 3.68 -11.31 -7.07
C ALA A 28 4.87 -12.08 -6.56
N LEU A 29 5.66 -11.48 -5.67
CA LEU A 29 6.80 -12.22 -5.14
C LEU A 29 6.38 -13.43 -4.32
N LEU A 30 5.41 -13.26 -3.42
CA LEU A 30 4.99 -14.37 -2.60
C LEU A 30 4.36 -15.47 -3.45
N LEU A 31 3.50 -15.10 -4.40
CA LEU A 31 2.88 -16.13 -5.24
C LEU A 31 3.94 -16.79 -6.13
N ALA A 32 4.91 -16.03 -6.64
CA ALA A 32 5.96 -16.63 -7.48
C ALA A 32 6.76 -17.64 -6.65
N ALA A 33 7.00 -17.31 -5.38
CA ALA A 33 7.75 -18.20 -4.50
C ALA A 33 7.00 -19.50 -4.23
N LEU A 34 5.68 -19.42 -4.07
CA LEU A 34 4.85 -20.59 -3.79
C LEU A 34 4.58 -21.42 -5.03
N ALA A 35 4.63 -20.78 -6.19
CA ALA A 35 4.30 -21.43 -7.46
C ALA A 35 5.34 -22.41 -7.98
N HIS A 36 4.93 -23.17 -8.99
CA HIS A 36 5.79 -24.12 -9.68
C HIS A 36 6.27 -23.40 -10.93
N GLY A 37 7.58 -23.47 -11.19
CA GLY A 37 8.13 -22.85 -12.37
C GLY A 37 8.85 -21.57 -12.06
N LYS A 38 9.48 -20.99 -13.08
CA LYS A 38 10.25 -19.78 -12.90
C LYS A 38 9.44 -18.60 -13.36
N THR A 39 9.33 -17.60 -12.49
CA THR A 39 8.58 -16.41 -12.83
C THR A 39 9.56 -15.26 -13.04
N VAL A 40 9.36 -14.48 -14.08
CA VAL A 40 10.22 -13.32 -14.29
C VAL A 40 9.33 -12.10 -14.08
N LEU A 41 9.62 -11.32 -13.04
CA LEU A 41 8.86 -10.10 -12.76
C LEU A 41 9.65 -8.91 -13.30
N THR A 42 8.98 -8.03 -14.03
CA THR A 42 9.64 -6.84 -14.52
C THR A 42 8.87 -5.64 -13.93
N ASN A 43 9.57 -4.52 -13.82
CA ASN A 43 9.04 -3.28 -13.23
C ASN A 43 8.72 -3.52 -11.75
N LEU A 44 9.44 -4.44 -11.13
CA LEU A 44 9.26 -4.70 -9.72
C LEU A 44 9.71 -3.44 -8.94
N LEU A 45 9.04 -3.13 -7.84
CA LEU A 45 9.44 -1.97 -7.03
C LEU A 45 10.65 -2.27 -6.16
N ASP A 46 11.61 -1.34 -6.13
CA ASP A 46 12.74 -1.46 -5.22
C ASP A 46 12.44 -0.44 -4.12
N SER A 47 12.02 -0.92 -2.95
CA SER A 47 11.71 -0.06 -1.81
C SER A 47 11.84 -0.93 -0.56
N ASP A 48 11.76 -0.32 0.61
CA ASP A 48 11.89 -1.11 1.85
C ASP A 48 10.90 -2.26 1.93
N ASP A 49 9.63 -1.99 1.61
CA ASP A 49 8.61 -3.03 1.75
C ASP A 49 8.88 -4.25 0.89
N VAL A 50 9.40 -4.02 -0.31
CA VAL A 50 9.70 -5.14 -1.20
C VAL A 50 11.00 -5.80 -0.76
N ARG A 51 11.97 -4.99 -0.33
CA ARG A 51 13.23 -5.55 0.14
C ARG A 51 13.00 -6.50 1.32
N HIS A 52 12.07 -6.16 2.20
CA HIS A 52 11.81 -7.04 3.35
C HIS A 52 11.19 -8.36 2.88
N MET A 53 10.34 -8.30 1.87
CA MET A 53 9.74 -9.53 1.32
C MET A 53 10.87 -10.35 0.65
N LEU A 54 11.72 -9.70 -0.13
CA LEU A 54 12.82 -10.42 -0.77
C LEU A 54 13.71 -11.08 0.26
N ASN A 55 14.04 -10.35 1.32
CA ASN A 55 14.90 -10.91 2.38
C ASN A 55 14.22 -12.10 3.05
N ALA A 56 12.91 -12.03 3.23
CA ALA A 56 12.16 -13.10 3.87
C ALA A 56 12.25 -14.33 2.97
N LEU A 57 12.06 -14.14 1.67
CA LEU A 57 12.13 -15.26 0.75
C LEU A 57 13.52 -15.88 0.78
N THR A 58 14.54 -15.04 0.78
CA THR A 58 15.92 -15.56 0.85
C THR A 58 16.09 -16.42 2.11
N ALA A 59 15.59 -15.92 3.24
CA ALA A 59 15.73 -16.63 4.51
C ALA A 59 14.96 -17.95 4.52
N LEU A 60 13.86 -18.00 3.77
CA LEU A 60 13.06 -19.22 3.69
C LEU A 60 13.63 -20.18 2.65
N GLY A 61 14.73 -19.81 2.02
CA GLY A 61 15.35 -20.71 1.07
C GLY A 61 14.96 -20.57 -0.38
N VAL A 62 14.19 -19.54 -0.71
CA VAL A 62 13.78 -19.38 -2.09
C VAL A 62 14.95 -18.79 -2.90
N SER A 63 15.17 -19.33 -4.09
CA SER A 63 16.25 -18.86 -4.96
C SER A 63 15.73 -17.85 -6.00
N TYR A 64 16.44 -16.74 -6.16
CA TYR A 64 16.05 -15.74 -7.16
C TYR A 64 17.22 -14.84 -7.49
N THR A 65 17.11 -14.10 -8.58
CA THR A 65 18.16 -13.18 -8.97
C THR A 65 17.52 -11.85 -9.27
N LEU A 66 18.26 -10.77 -9.07
CA LEU A 66 17.74 -9.43 -9.33
C LEU A 66 18.65 -8.69 -10.31
N SER A 67 18.04 -7.86 -11.14
CA SER A 67 18.79 -7.07 -12.12
C SER A 67 19.53 -5.98 -11.35
N ALA A 68 20.41 -5.26 -12.04
CA ALA A 68 21.18 -4.20 -11.38
C ALA A 68 20.31 -3.17 -10.67
N ASP A 69 19.19 -2.78 -11.28
CA ASP A 69 18.35 -1.78 -10.65
C ASP A 69 17.27 -2.36 -9.74
N ARG A 70 17.38 -3.66 -9.52
CA ARG A 70 16.45 -4.39 -8.66
C ARG A 70 15.00 -4.34 -9.12
N THR A 71 14.76 -4.06 -10.40
CA THR A 71 13.38 -4.02 -10.89
C THR A 71 13.01 -5.26 -11.72
N ARG A 72 13.99 -6.12 -12.01
CA ARG A 72 13.69 -7.36 -12.73
C ARG A 72 14.10 -8.48 -11.78
N CYS A 73 13.19 -9.43 -11.53
CA CYS A 73 13.47 -10.52 -10.61
C CYS A 73 13.08 -11.84 -11.23
N GLU A 74 14.02 -12.79 -11.25
CA GLU A 74 13.78 -14.10 -11.81
C GLU A 74 13.68 -15.01 -10.59
N ILE A 75 12.47 -15.45 -10.29
CA ILE A 75 12.21 -16.29 -9.12
C ILE A 75 12.01 -17.75 -9.45
N ILE A 76 12.73 -18.63 -8.74
CA ILE A 76 12.57 -20.07 -8.92
C ILE A 76 11.49 -20.50 -7.92
N GLY A 77 10.32 -20.86 -8.42
CA GLY A 77 9.23 -21.24 -7.55
C GLY A 77 9.52 -22.47 -6.71
N ASN A 78 9.03 -22.45 -5.47
CA ASN A 78 9.21 -23.54 -4.55
C ASN A 78 8.30 -24.71 -4.85
N GLY A 79 7.26 -24.50 -5.63
CA GLY A 79 6.35 -25.61 -5.90
C GLY A 79 5.58 -26.02 -4.66
N GLY A 80 5.12 -25.05 -3.89
CA GLY A 80 4.35 -25.39 -2.71
C GLY A 80 4.70 -24.49 -1.54
N PRO A 81 4.02 -24.66 -0.40
CA PRO A 81 4.24 -23.87 0.82
C PRO A 81 5.71 -23.75 1.19
N LEU A 82 6.07 -22.57 1.71
CA LEU A 82 7.45 -22.32 2.11
C LEU A 82 7.66 -22.86 3.53
N HIS A 83 8.87 -23.30 3.84
CA HIS A 83 9.11 -23.85 5.18
C HIS A 83 10.43 -23.47 5.82
N ALA A 84 10.39 -23.39 7.16
CA ALA A 84 11.57 -23.14 7.97
C ALA A 84 11.21 -23.53 9.43
N GLU A 85 12.23 -23.88 10.20
CA GLU A 85 11.99 -24.28 11.59
C GLU A 85 12.95 -23.50 12.49
N GLY A 86 13.01 -23.92 13.75
CA GLY A 86 13.89 -23.28 14.70
C GLY A 86 13.51 -21.87 15.06
N ALA A 87 12.21 -21.56 15.00
CA ALA A 87 11.74 -20.22 15.30
C ALA A 87 12.53 -19.17 14.52
N LEU A 88 12.81 -19.47 13.24
CA LEU A 88 13.55 -18.56 12.35
C LEU A 88 12.88 -17.20 12.39
N GLU A 89 13.65 -16.15 12.66
CA GLU A 89 13.04 -14.84 12.73
C GLU A 89 13.13 -14.09 11.41
N LEU A 90 11.98 -13.64 10.93
CA LEU A 90 11.90 -12.86 9.68
C LEU A 90 11.53 -11.44 10.11
N PHE A 91 12.42 -10.51 9.76
CA PHE A 91 12.21 -9.11 10.09
C PHE A 91 11.52 -8.45 8.89
N LEU A 92 10.35 -7.88 9.14
CA LEU A 92 9.56 -7.30 8.05
C LEU A 92 9.36 -5.80 8.06
N GLY A 93 10.26 -5.07 8.73
CA GLY A 93 10.17 -3.61 8.80
C GLY A 93 8.79 -3.18 9.25
N ASN A 94 8.12 -2.38 8.44
CA ASN A 94 6.76 -1.98 8.79
C ASN A 94 5.90 -2.25 7.56
N ALA A 95 6.22 -3.34 6.87
CA ALA A 95 5.51 -3.73 5.65
C ALA A 95 4.28 -4.60 5.93
N GLY A 96 3.12 -3.96 5.99
CA GLY A 96 1.91 -4.73 6.24
C GLY A 96 1.66 -5.77 5.16
N ILE A 97 1.92 -5.44 3.90
CA ILE A 97 1.64 -6.39 2.83
C ILE A 97 2.70 -7.49 2.73
N ALA A 98 3.67 -7.50 3.66
CA ALA A 98 4.59 -8.62 3.75
C ALA A 98 4.12 -9.38 5.01
N MET A 99 3.95 -8.64 6.10
CA MET A 99 3.54 -9.21 7.38
C MET A 99 2.21 -9.98 7.33
N ARG A 100 1.16 -9.34 6.83
CA ARG A 100 -0.12 -10.02 6.83
C ARG A 100 -0.11 -11.27 5.92
N PRO A 101 0.29 -11.13 4.64
CA PRO A 101 0.31 -12.30 3.76
C PRO A 101 1.21 -13.44 4.27
N LEU A 102 2.39 -13.11 4.77
CA LEU A 102 3.26 -14.17 5.27
C LEU A 102 2.72 -14.82 6.54
N ALA A 103 2.03 -14.05 7.38
CA ALA A 103 1.51 -14.63 8.60
C ALA A 103 0.54 -15.75 8.25
N ALA A 104 -0.22 -15.54 7.18
CA ALA A 104 -1.15 -16.58 6.75
C ALA A 104 -0.45 -17.70 6.00
N ALA A 105 0.36 -17.34 5.03
CA ALA A 105 0.97 -18.36 4.18
C ALA A 105 1.82 -19.35 4.93
N LEU A 106 2.58 -18.86 5.90
CA LEU A 106 3.47 -19.69 6.65
C LEU A 106 2.77 -20.58 7.68
N CYS A 107 1.45 -20.49 7.73
CA CYS A 107 0.67 -21.37 8.61
C CYS A 107 0.40 -22.70 7.90
N LEU A 108 0.76 -22.80 6.62
CA LEU A 108 0.51 -24.04 5.88
C LEU A 108 1.53 -25.12 6.26
N GLY A 109 1.01 -26.30 6.58
CA GLY A 109 1.88 -27.41 6.97
C GLY A 109 2.44 -27.20 8.34
N SER A 110 3.68 -27.63 8.53
CA SER A 110 4.37 -27.47 9.80
C SER A 110 5.40 -26.38 9.57
N ASN A 111 5.75 -25.66 10.62
CA ASN A 111 6.74 -24.60 10.56
C ASN A 111 6.96 -24.13 11.97
N ASP A 112 8.02 -23.35 12.15
CA ASP A 112 8.30 -22.74 13.44
C ASP A 112 9.05 -21.49 13.04
N ILE A 113 8.27 -20.44 12.80
CA ILE A 113 8.81 -19.20 12.30
C ILE A 113 8.27 -18.02 13.10
N VAL A 114 9.11 -17.02 13.29
CA VAL A 114 8.71 -15.82 14.01
C VAL A 114 8.71 -14.65 13.05
N LEU A 115 7.61 -13.89 13.03
CA LEU A 115 7.51 -12.70 12.20
C LEU A 115 7.55 -11.48 13.10
N THR A 116 8.44 -10.55 12.81
CA THR A 116 8.52 -9.34 13.62
C THR A 116 8.84 -8.17 12.71
N GLY A 117 9.07 -7.00 13.30
CA GLY A 117 9.36 -5.82 12.51
C GLY A 117 9.77 -4.67 13.38
N GLU A 118 9.65 -3.47 12.84
CA GLU A 118 9.99 -2.25 13.55
C GLU A 118 9.00 -2.01 14.68
N PRO A 119 9.38 -1.15 15.63
CA PRO A 119 8.51 -0.86 16.75
C PRO A 119 7.06 -0.57 16.38
N ARG A 120 6.85 0.28 15.37
CA ARG A 120 5.49 0.61 14.97
C ARG A 120 4.71 -0.63 14.50
N MET A 121 5.40 -1.56 13.86
CA MET A 121 4.70 -2.77 13.39
C MET A 121 4.17 -3.57 14.57
N LYS A 122 4.84 -3.49 15.71
CA LYS A 122 4.38 -4.20 16.90
C LYS A 122 3.16 -3.50 17.51
N GLU A 123 2.76 -2.38 16.91
CA GLU A 123 1.59 -1.64 17.36
C GLU A 123 0.50 -1.63 16.29
N ARG A 124 0.68 -2.38 15.20
CA ARG A 124 -0.34 -2.43 14.15
C ARG A 124 -1.05 -3.76 14.32
N PRO A 125 -2.39 -3.72 14.41
CA PRO A 125 -3.23 -4.91 14.62
C PRO A 125 -3.14 -6.04 13.63
N ILE A 126 -3.24 -7.26 14.14
CA ILE A 126 -3.23 -8.43 13.29
C ILE A 126 -4.14 -9.51 13.91
N GLY A 127 -4.80 -9.15 15.00
CA GLY A 127 -5.66 -10.11 15.68
C GLY A 127 -6.79 -10.69 14.86
N HIS A 128 -7.36 -9.90 13.97
CA HIS A 128 -8.45 -10.39 13.13
C HIS A 128 -7.98 -11.51 12.22
N LEU A 129 -6.76 -11.37 11.72
CA LEU A 129 -6.19 -12.42 10.88
C LEU A 129 -5.82 -13.66 11.71
N VAL A 130 -5.19 -13.44 12.87
CA VAL A 130 -4.82 -14.57 13.72
C VAL A 130 -6.08 -15.33 14.13
N ASP A 131 -7.16 -14.62 14.46
CA ASP A 131 -8.42 -15.27 14.84
C ASP A 131 -8.89 -16.19 13.70
N ALA A 132 -8.90 -15.67 12.46
CA ALA A 132 -9.34 -16.45 11.31
C ALA A 132 -8.45 -17.68 11.08
N LEU A 133 -7.13 -17.48 11.09
CA LEU A 133 -6.17 -18.58 10.86
C LEU A 133 -6.36 -19.69 11.90
N ARG A 134 -6.59 -19.29 13.16
CA ARG A 134 -6.82 -20.27 14.20
C ARG A 134 -8.10 -21.06 13.96
N LEU A 135 -9.16 -20.38 13.50
CA LEU A 135 -10.40 -21.13 13.21
C LEU A 135 -10.11 -22.18 12.14
N GLY A 136 -9.12 -21.92 11.29
CA GLY A 136 -8.76 -22.84 10.24
C GLY A 136 -7.79 -23.91 10.67
N GLY A 137 -7.37 -23.85 11.94
CA GLY A 137 -6.45 -24.85 12.46
C GLY A 137 -5.04 -24.42 12.82
N ALA A 138 -4.68 -23.19 12.50
CA ALA A 138 -3.32 -22.72 12.77
C ALA A 138 -2.97 -22.55 14.23
N LYS A 139 -1.71 -22.79 14.54
CA LYS A 139 -1.20 -22.58 15.90
C LYS A 139 -0.37 -21.32 15.78
N ILE A 140 -0.80 -20.27 16.49
CA ILE A 140 -0.12 -18.97 16.45
C ILE A 140 -0.02 -18.43 17.85
N THR A 141 1.15 -17.90 18.19
CA THR A 141 1.40 -17.36 19.52
C THR A 141 1.84 -15.90 19.42
N TYR A 142 1.25 -15.04 20.27
CA TYR A 142 1.64 -13.63 20.33
C TYR A 142 2.81 -13.63 21.29
N LEU A 143 3.98 -13.18 20.82
CA LEU A 143 5.15 -13.15 21.67
C LEU A 143 5.25 -11.93 22.57
N GLU A 144 4.52 -10.88 22.20
CA GLU A 144 4.52 -9.67 23.02
C GLU A 144 3.08 -9.30 23.32
N GLN A 145 2.59 -8.20 22.76
CA GLN A 145 1.23 -7.78 23.05
C GLN A 145 0.20 -8.58 22.26
N GLU A 146 -0.81 -9.09 22.97
CA GLU A 146 -1.89 -9.83 22.33
C GLU A 146 -2.51 -8.97 21.21
N ASN A 147 -2.75 -9.60 20.06
CA ASN A 147 -3.37 -8.97 18.88
C ASN A 147 -2.43 -8.22 17.96
N TYR A 148 -1.13 -8.29 18.25
CA TYR A 148 -0.11 -7.61 17.44
C TYR A 148 1.11 -8.48 17.22
N PRO A 149 1.91 -8.12 16.19
CA PRO A 149 3.16 -8.86 15.94
C PRO A 149 4.00 -8.47 17.17
N PRO A 150 5.04 -9.24 17.47
CA PRO A 150 5.51 -10.43 16.74
C PRO A 150 4.69 -11.68 16.98
N LEU A 151 4.70 -12.57 15.98
CA LEU A 151 3.95 -13.81 16.03
C LEU A 151 4.88 -14.98 15.85
N ARG A 152 4.62 -16.06 16.58
CA ARG A 152 5.38 -17.30 16.38
C ARG A 152 4.35 -18.23 15.69
N LEU A 153 4.67 -18.64 14.47
CA LEU A 153 3.80 -19.47 13.67
C LEU A 153 4.26 -20.91 13.70
N GLN A 154 3.38 -21.82 14.14
CA GLN A 154 3.78 -23.22 14.18
C GLN A 154 2.94 -24.12 13.28
N GLY A 155 2.27 -23.49 12.32
CA GLY A 155 1.51 -24.21 11.32
C GLY A 155 0.16 -24.80 11.66
N GLY A 156 -0.33 -25.67 10.79
CA GLY A 156 -1.61 -26.31 11.03
C GLY A 156 -2.84 -25.79 10.34
N PHE A 157 -2.73 -24.75 9.51
CA PHE A 157 -3.92 -24.26 8.82
C PHE A 157 -4.33 -25.33 7.80
N THR A 158 -5.49 -25.95 7.99
CA THR A 158 -5.93 -26.97 7.05
C THR A 158 -7.13 -26.52 6.18
N GLY A 159 -7.83 -25.47 6.61
CA GLY A 159 -8.99 -24.97 5.87
C GLY A 159 -10.26 -25.09 6.70
N GLY A 160 -11.41 -25.21 6.05
CA GLY A 160 -12.64 -25.31 6.80
C GLY A 160 -13.44 -24.01 6.80
N ASN A 161 -14.35 -23.84 7.74
CA ASN A 161 -15.14 -22.61 7.78
C ASN A 161 -14.40 -21.58 8.61
N VAL A 162 -14.02 -20.48 7.98
CA VAL A 162 -13.26 -19.43 8.65
C VAL A 162 -13.98 -18.08 8.59
N ASP A 163 -14.20 -17.45 9.74
CA ASP A 163 -14.80 -16.12 9.75
C ASP A 163 -13.66 -15.15 9.82
N VAL A 164 -13.80 -13.98 9.19
CA VAL A 164 -12.78 -12.96 9.31
C VAL A 164 -13.43 -11.59 9.35
N ASP A 165 -12.91 -10.75 10.24
CA ASP A 165 -13.38 -9.38 10.40
C ASP A 165 -12.71 -8.56 9.29
N GLY A 166 -13.49 -7.85 8.50
CA GLY A 166 -12.90 -7.06 7.43
C GLY A 166 -13.05 -5.57 7.67
N SER A 167 -13.40 -5.19 8.90
CA SER A 167 -13.66 -3.81 9.24
C SER A 167 -12.46 -2.92 9.54
N VAL A 168 -11.31 -3.51 9.81
CA VAL A 168 -10.10 -2.73 10.12
C VAL A 168 -9.06 -2.78 8.99
N SER A 169 -8.88 -3.94 8.39
CA SER A 169 -7.95 -4.08 7.28
C SER A 169 -8.40 -5.12 6.27
N SER A 170 -8.29 -4.78 4.99
CA SER A 170 -8.62 -5.76 3.96
C SER A 170 -7.46 -6.75 3.84
N GLN A 171 -6.30 -6.41 4.39
CA GLN A 171 -5.15 -7.29 4.29
C GLN A 171 -5.33 -8.64 4.94
N PHE A 172 -6.19 -8.71 5.95
CA PHE A 172 -6.41 -9.97 6.61
C PHE A 172 -7.11 -10.93 5.63
N LEU A 173 -8.15 -10.43 4.95
CA LEU A 173 -8.84 -11.25 3.96
C LEU A 173 -7.90 -11.59 2.80
N THR A 174 -7.12 -10.62 2.35
CA THR A 174 -6.17 -10.87 1.28
C THR A 174 -5.23 -12.02 1.66
N ALA A 175 -4.73 -11.98 2.89
CA ALA A 175 -3.83 -13.00 3.34
C ALA A 175 -4.50 -14.37 3.31
N LEU A 176 -5.74 -14.42 3.77
CA LEU A 176 -6.47 -15.69 3.77
C LEU A 176 -6.70 -16.21 2.36
N LEU A 177 -7.08 -15.29 1.47
CA LEU A 177 -7.36 -15.67 0.08
C LEU A 177 -6.15 -16.29 -0.61
N MET A 178 -4.96 -15.73 -0.42
CA MET A 178 -3.76 -16.25 -1.06
C MET A 178 -3.32 -17.60 -0.49
N THR A 179 -3.59 -17.82 0.79
CA THR A 179 -3.19 -19.04 1.46
C THR A 179 -4.12 -20.23 1.29
N ALA A 180 -5.42 -19.98 1.38
CA ALA A 180 -6.42 -21.05 1.34
C ALA A 180 -6.34 -22.08 0.20
N PRO A 181 -6.07 -21.65 -1.04
CA PRO A 181 -5.97 -22.59 -2.17
C PRO A 181 -4.98 -23.71 -1.94
N LEU A 182 -3.93 -23.45 -1.17
CA LEU A 182 -2.90 -24.44 -0.91
C LEU A 182 -3.17 -25.32 0.30
N ALA A 183 -4.25 -25.03 1.03
CA ALA A 183 -4.63 -25.80 2.21
C ALA A 183 -5.19 -27.13 1.71
N PRO A 184 -5.08 -28.18 2.51
CA PRO A 184 -5.59 -29.51 2.11
C PRO A 184 -7.10 -29.62 1.95
N GLU A 185 -7.84 -28.90 2.78
CA GLU A 185 -9.29 -28.95 2.72
C GLU A 185 -9.84 -27.67 2.09
N ASP A 186 -11.10 -27.71 1.67
CA ASP A 186 -11.74 -26.52 1.10
C ASP A 186 -11.99 -25.56 2.25
N THR A 187 -12.01 -24.27 1.93
CA THR A 187 -12.21 -23.23 2.92
C THR A 187 -13.35 -22.30 2.53
N VAL A 188 -14.20 -21.95 3.48
CA VAL A 188 -15.27 -20.99 3.21
C VAL A 188 -14.93 -19.83 4.13
N ILE A 189 -14.56 -18.70 3.54
CA ILE A 189 -14.22 -17.48 4.30
C ILE A 189 -15.45 -16.58 4.37
N ARG A 190 -15.95 -16.35 5.57
CA ARG A 190 -17.13 -15.52 5.77
C ARG A 190 -16.73 -14.18 6.39
N ILE A 191 -17.08 -13.08 5.72
CA ILE A 191 -16.77 -11.74 6.25
C ILE A 191 -17.80 -11.42 7.35
N LYS A 192 -17.32 -11.07 8.53
CA LYS A 192 -18.20 -10.80 9.66
C LYS A 192 -19.18 -9.65 9.49
N GLY A 193 -18.67 -8.52 9.03
CA GLY A 193 -19.50 -7.35 8.87
C GLY A 193 -19.04 -6.52 7.70
N ASP A 194 -18.60 -5.29 7.97
CA ASP A 194 -18.13 -4.40 6.92
C ASP A 194 -16.78 -4.83 6.36
N LEU A 195 -16.50 -4.41 5.13
CA LEU A 195 -15.21 -4.69 4.49
C LEU A 195 -14.63 -3.37 4.02
N VAL A 196 -13.49 -2.97 4.58
CA VAL A 196 -12.88 -1.71 4.17
C VAL A 196 -11.83 -2.00 3.10
N SER A 197 -11.41 -0.93 2.42
CA SER A 197 -10.38 -1.02 1.37
C SER A 197 -10.68 -2.13 0.39
N LYS A 198 -11.95 -2.22 0.01
CA LYS A 198 -12.38 -3.28 -0.88
C LYS A 198 -11.59 -3.46 -2.19
N PRO A 199 -11.16 -2.37 -2.84
CA PRO A 199 -10.42 -2.54 -4.11
C PRO A 199 -9.14 -3.39 -3.99
N TYR A 200 -8.56 -3.45 -2.80
CA TYR A 200 -7.35 -4.25 -2.67
C TYR A 200 -7.67 -5.73 -2.77
N ILE A 201 -8.90 -6.10 -2.44
CA ILE A 201 -9.30 -7.51 -2.54
C ILE A 201 -9.29 -7.87 -4.03
N ASP A 202 -9.69 -6.94 -4.89
CA ASP A 202 -9.68 -7.20 -6.33
C ASP A 202 -8.26 -7.37 -6.84
N ILE A 203 -7.29 -6.64 -6.26
CA ILE A 203 -5.91 -6.80 -6.68
C ILE A 203 -5.49 -8.21 -6.32
N THR A 204 -5.84 -8.67 -5.12
CA THR A 204 -5.45 -10.01 -4.69
C THR A 204 -6.01 -11.09 -5.62
N LEU A 205 -7.29 -10.97 -5.95
CA LEU A 205 -7.92 -12.00 -6.79
C LEU A 205 -7.31 -11.97 -8.19
N ASN A 206 -6.97 -10.78 -8.67
CA ASN A 206 -6.35 -10.62 -9.97
C ASN A 206 -5.02 -11.35 -10.01
N LEU A 207 -4.16 -11.10 -9.02
CA LEU A 207 -2.87 -11.77 -8.96
C LEU A 207 -3.01 -13.30 -8.82
N MET A 208 -3.93 -13.74 -7.96
CA MET A 208 -4.13 -15.18 -7.79
C MET A 208 -4.48 -15.82 -9.12
N LYS A 209 -5.35 -15.17 -9.89
CA LYS A 209 -5.73 -15.73 -11.18
C LYS A 209 -4.56 -15.77 -12.15
N THR A 210 -3.70 -14.76 -12.10
CA THR A 210 -2.52 -14.72 -12.96
C THR A 210 -1.67 -15.94 -12.65
N PHE A 211 -1.64 -16.31 -11.37
CA PHE A 211 -0.85 -17.45 -10.92
C PHE A 211 -1.63 -18.75 -10.95
N GLY A 212 -2.73 -18.76 -11.69
CA GLY A 212 -3.51 -19.97 -11.89
C GLY A 212 -4.63 -20.38 -10.97
N VAL A 213 -5.04 -19.51 -10.05
CA VAL A 213 -6.08 -19.89 -9.12
C VAL A 213 -7.24 -18.92 -9.09
N GLU A 214 -8.45 -19.48 -9.11
CA GLU A 214 -9.67 -18.70 -9.03
C GLU A 214 -10.48 -19.27 -7.87
N ILE A 215 -11.35 -18.44 -7.32
CA ILE A 215 -12.19 -18.83 -6.20
C ILE A 215 -13.59 -18.28 -6.45
N GLU A 216 -14.53 -18.64 -5.59
CA GLU A 216 -15.90 -18.17 -5.75
C GLU A 216 -16.17 -17.02 -4.81
N ASN A 217 -16.32 -15.84 -5.38
CA ASN A 217 -16.58 -14.65 -4.59
C ASN A 217 -18.08 -14.40 -4.55
N GLN A 218 -18.68 -14.55 -3.39
CA GLN A 218 -20.13 -14.32 -3.26
C GLN A 218 -20.38 -12.91 -2.70
N HIS A 219 -20.42 -11.94 -3.62
CA HIS A 219 -20.64 -10.53 -3.31
C HIS A 219 -19.80 -9.99 -2.17
N TYR A 220 -18.56 -10.48 -2.09
CA TYR A 220 -17.59 -10.06 -1.08
C TYR A 220 -18.01 -10.30 0.35
N GLN A 221 -19.02 -11.14 0.54
CA GLN A 221 -19.53 -11.46 1.88
C GLN A 221 -19.00 -12.82 2.30
N GLN A 222 -18.74 -13.65 1.30
CA GLN A 222 -18.25 -15.00 1.53
C GLN A 222 -17.44 -15.45 0.31
N PHE A 223 -16.31 -16.12 0.55
CA PHE A 223 -15.47 -16.59 -0.53
C PHE A 223 -15.28 -18.09 -0.36
N VAL A 224 -15.59 -18.83 -1.43
CA VAL A 224 -15.47 -20.28 -1.38
C VAL A 224 -14.21 -20.67 -2.15
N VAL A 225 -13.29 -21.33 -1.44
CA VAL A 225 -12.02 -21.75 -1.99
C VAL A 225 -11.85 -23.26 -1.98
N LYS A 226 -11.42 -23.82 -3.10
CA LYS A 226 -11.17 -25.25 -3.15
C LYS A 226 -9.72 -25.44 -2.71
N GLY A 227 -9.48 -26.40 -1.84
CA GLY A 227 -8.12 -26.65 -1.40
C GLY A 227 -7.39 -27.57 -2.38
N GLY A 228 -6.17 -27.92 -2.04
CA GLY A 228 -5.35 -28.81 -2.85
C GLY A 228 -4.91 -28.26 -4.18
N GLN A 229 -4.92 -26.94 -4.31
CA GLN A 229 -4.51 -26.32 -5.56
C GLN A 229 -3.04 -25.99 -5.54
N SER A 230 -2.54 -25.59 -6.70
CA SER A 230 -1.14 -25.22 -6.84
C SER A 230 -1.03 -23.96 -7.68
N TYR A 231 -0.17 -23.03 -7.25
CA TYR A 231 0.06 -21.84 -8.06
C TYR A 231 1.06 -22.22 -9.15
N GLN A 232 0.91 -21.60 -10.32
CA GLN A 232 1.77 -21.88 -11.48
C GLN A 232 2.36 -20.60 -12.03
N SER A 233 3.65 -20.63 -12.35
CA SER A 233 4.29 -19.44 -12.90
C SER A 233 3.60 -18.94 -14.16
N PRO A 234 3.39 -17.61 -14.23
CA PRO A 234 2.75 -17.01 -15.41
C PRO A 234 3.80 -16.69 -16.49
N GLY A 235 5.05 -17.06 -16.24
CA GLY A 235 6.12 -16.77 -17.19
C GLY A 235 6.66 -15.38 -16.90
N THR A 236 6.53 -14.45 -17.85
CA THR A 236 7.00 -13.08 -17.64
C THR A 236 5.80 -12.26 -17.22
N TYR A 237 5.95 -11.47 -16.17
CA TYR A 237 4.83 -10.68 -15.68
C TYR A 237 5.28 -9.27 -15.42
N LEU A 238 4.52 -8.31 -15.94
CA LEU A 238 4.82 -6.89 -15.79
C LEU A 238 4.06 -6.29 -14.61
N VAL A 239 4.81 -5.85 -13.61
CA VAL A 239 4.23 -5.21 -12.44
C VAL A 239 3.76 -3.81 -12.83
N GLU A 240 2.50 -3.49 -12.56
CA GLU A 240 1.99 -2.16 -12.87
C GLU A 240 2.75 -1.08 -12.10
N GLY A 241 2.77 0.14 -12.65
CA GLY A 241 3.38 1.27 -11.95
C GLY A 241 2.50 1.52 -10.73
N ASP A 242 3.04 2.16 -9.70
CA ASP A 242 2.30 2.40 -8.47
C ASP A 242 1.33 3.59 -8.57
N ALA A 243 0.04 3.31 -8.49
CA ALA A 243 -0.98 4.33 -8.58
C ALA A 243 -0.99 5.26 -7.36
N SER A 244 -0.56 4.74 -6.21
CA SER A 244 -0.54 5.58 -5.01
C SER A 244 0.64 6.55 -5.15
N SER A 245 1.78 6.04 -5.61
CA SER A 245 2.94 6.90 -5.86
C SER A 245 2.61 7.95 -6.92
N ALA A 246 1.73 7.61 -7.85
CA ALA A 246 1.35 8.55 -8.90
C ALA A 246 0.55 9.75 -8.37
N SER A 247 -0.15 9.56 -7.25
CA SER A 247 -1.03 10.62 -6.74
C SER A 247 -0.36 11.98 -6.52
N TYR A 248 0.87 11.95 -6.05
CA TYR A 248 1.58 13.19 -5.76
C TYR A 248 1.81 14.02 -7.00
N PHE A 249 2.17 13.34 -8.08
CA PHE A 249 2.48 14.02 -9.33
C PHE A 249 1.23 14.54 -10.04
N LEU A 250 0.16 13.75 -10.00
CA LEU A 250 -1.09 14.19 -10.62
C LEU A 250 -1.64 15.37 -9.80
N ALA A 251 -1.59 15.27 -8.47
CA ALA A 251 -2.06 16.34 -7.62
C ALA A 251 -1.21 17.59 -7.84
N ALA A 252 0.10 17.40 -8.03
CA ALA A 252 0.95 18.57 -8.24
C ALA A 252 0.47 19.36 -9.45
N ALA A 253 0.05 18.67 -10.50
CA ALA A 253 -0.44 19.34 -11.72
C ALA A 253 -1.77 20.02 -11.43
N ALA A 254 -2.63 19.35 -10.66
CA ALA A 254 -3.91 19.91 -10.32
C ALA A 254 -3.75 21.22 -9.57
N ILE A 255 -2.66 21.34 -8.82
CA ILE A 255 -2.38 22.52 -8.02
C ILE A 255 -1.57 23.59 -8.76
N LYS A 256 -0.52 23.17 -9.46
CA LYS A 256 0.42 24.10 -10.07
C LYS A 256 0.84 23.81 -11.52
N GLY A 257 0.07 23.02 -12.25
CA GLY A 257 0.43 22.73 -13.63
C GLY A 257 -0.06 23.80 -14.60
N GLY A 258 0.22 23.64 -15.90
CA GLY A 258 0.96 22.52 -16.41
C GLY A 258 0.22 21.21 -16.56
N THR A 259 0.87 20.27 -17.23
CA THR A 259 0.32 18.92 -17.41
C THR A 259 1.39 17.92 -16.94
N VAL A 260 0.99 16.99 -16.08
CA VAL A 260 1.92 15.98 -15.62
C VAL A 260 1.33 14.65 -16.03
N LYS A 261 2.15 13.87 -16.71
CA LYS A 261 1.74 12.55 -17.19
C LYS A 261 2.51 11.50 -16.42
N VAL A 262 1.81 10.49 -15.91
CA VAL A 262 2.52 9.43 -15.23
C VAL A 262 2.35 8.21 -16.11
N THR A 263 3.43 7.45 -16.32
CA THR A 263 3.34 6.26 -17.16
C THR A 263 3.53 5.00 -16.34
N GLY A 264 2.95 3.90 -16.81
CA GLY A 264 3.07 2.65 -16.08
C GLY A 264 1.72 2.22 -15.55
N ILE A 265 0.75 3.15 -15.56
CA ILE A 265 -0.61 2.85 -15.14
C ILE A 265 -1.52 3.50 -16.16
N GLY A 266 -2.72 2.97 -16.29
CA GLY A 266 -3.63 3.51 -17.27
C GLY A 266 -5.06 3.12 -16.96
N ARG A 267 -5.94 3.29 -17.93
CA ARG A 267 -7.37 3.01 -17.70
C ARG A 267 -7.68 1.57 -17.35
N ASN A 268 -6.78 0.67 -17.71
CA ASN A 268 -6.98 -0.75 -17.48
C ASN A 268 -6.38 -1.23 -16.17
N SER A 269 -5.74 -0.35 -15.42
CA SER A 269 -5.09 -0.80 -14.17
C SER A 269 -6.01 -1.46 -13.15
N MET A 270 -5.46 -2.42 -12.41
CA MET A 270 -6.21 -3.14 -11.40
C MET A 270 -6.21 -2.40 -10.05
N GLN A 271 -5.36 -1.39 -9.92
CA GLN A 271 -5.25 -0.65 -8.65
C GLN A 271 -6.38 0.32 -8.42
N GLY A 272 -6.98 0.25 -7.23
CA GLY A 272 -8.07 1.15 -6.91
C GLY A 272 -7.63 2.61 -6.83
N ASP A 273 -6.35 2.85 -6.56
CA ASP A 273 -5.92 4.24 -6.44
C ASP A 273 -5.91 5.03 -7.74
N ILE A 274 -6.17 4.38 -8.87
CA ILE A 274 -6.25 5.18 -10.10
C ILE A 274 -7.53 6.03 -9.95
N ARG A 275 -8.43 5.66 -9.05
CA ARG A 275 -9.67 6.43 -8.85
C ARG A 275 -9.36 7.78 -8.20
N PHE A 276 -8.12 7.94 -7.74
CA PHE A 276 -7.69 9.22 -7.18
C PHE A 276 -7.85 10.28 -8.27
N ALA A 277 -7.57 9.91 -9.53
CA ALA A 277 -7.71 10.85 -10.62
C ALA A 277 -9.15 11.39 -10.73
N ASP A 278 -10.14 10.54 -10.42
CA ASP A 278 -11.52 10.98 -10.46
C ASP A 278 -11.80 12.05 -9.41
N VAL A 279 -11.09 11.99 -8.28
CA VAL A 279 -11.27 12.97 -7.24
C VAL A 279 -10.70 14.31 -7.71
N LEU A 280 -9.53 14.28 -8.34
CA LEU A 280 -8.96 15.54 -8.84
C LEU A 280 -9.92 16.12 -9.90
N GLU A 281 -10.53 15.25 -10.70
CA GLU A 281 -11.45 15.74 -11.72
C GLU A 281 -12.64 16.44 -11.04
N LYS A 282 -13.12 15.85 -9.95
CA LYS A 282 -14.24 16.41 -9.21
C LYS A 282 -13.89 17.75 -8.59
N MET A 283 -12.61 17.93 -8.25
CA MET A 283 -12.12 19.18 -7.68
C MET A 283 -11.90 20.26 -8.75
N GLY A 284 -11.88 19.88 -10.02
CA GLY A 284 -11.70 20.89 -11.06
C GLY A 284 -10.54 20.71 -12.00
N ALA A 285 -9.76 19.65 -11.82
CA ALA A 285 -8.63 19.40 -12.71
C ALA A 285 -9.12 18.63 -13.95
N THR A 286 -8.30 18.60 -14.99
CA THR A 286 -8.61 17.90 -16.23
C THR A 286 -7.78 16.62 -16.26
N ILE A 287 -8.42 15.48 -16.47
CA ILE A 287 -7.69 14.20 -16.51
C ILE A 287 -7.74 13.57 -17.90
N CYS A 288 -6.61 13.02 -18.35
CA CYS A 288 -6.53 12.32 -19.63
C CYS A 288 -6.12 10.88 -19.34
N TRP A 289 -6.82 9.94 -19.95
CA TRP A 289 -6.54 8.53 -19.74
C TRP A 289 -5.96 7.87 -20.98
N GLY A 290 -4.98 7.00 -20.78
CA GLY A 290 -4.40 6.31 -21.90
C GLY A 290 -4.30 4.84 -21.51
N ASP A 291 -3.76 4.04 -22.42
CA ASP A 291 -3.60 2.65 -22.13
C ASP A 291 -2.47 2.46 -21.11
N ASP A 292 -1.41 3.26 -21.22
CA ASP A 292 -0.29 3.15 -20.29
C ASP A 292 0.08 4.47 -19.63
N TYR A 293 -0.90 5.37 -19.50
CA TYR A 293 -0.66 6.62 -18.80
C TYR A 293 -1.93 7.27 -18.27
N ILE A 294 -1.73 8.17 -17.31
CA ILE A 294 -2.82 9.00 -16.82
C ILE A 294 -2.17 10.36 -16.74
N SER A 295 -2.86 11.41 -17.15
CA SER A 295 -2.27 12.73 -17.01
C SER A 295 -3.28 13.67 -16.37
N CYS A 296 -2.76 14.70 -15.74
CA CYS A 296 -3.61 15.69 -15.12
C CYS A 296 -3.13 17.07 -15.56
N THR A 297 -4.08 17.94 -15.89
CA THR A 297 -3.76 19.30 -16.33
C THR A 297 -4.49 20.26 -15.42
N ARG A 298 -3.79 21.30 -15.00
CA ARG A 298 -4.37 22.30 -14.13
C ARG A 298 -5.67 22.87 -14.68
N GLY A 299 -6.68 22.97 -13.83
CA GLY A 299 -7.96 23.57 -14.19
C GLY A 299 -8.21 24.53 -13.03
N GLU A 300 -9.05 24.11 -12.11
CA GLU A 300 -9.26 24.89 -10.92
C GLU A 300 -9.27 23.88 -9.80
N LEU A 301 -9.38 24.35 -8.56
CA LEU A 301 -9.36 23.40 -7.47
C LEU A 301 -10.34 23.81 -6.39
N ASN A 302 -11.43 23.05 -6.30
CA ASN A 302 -12.51 23.27 -5.35
C ASN A 302 -12.57 22.19 -4.30
N ALA A 303 -12.93 22.56 -3.09
CA ALA A 303 -13.02 21.60 -2.00
C ALA A 303 -14.08 20.54 -2.26
N ILE A 304 -13.89 19.36 -1.69
CA ILE A 304 -14.85 18.27 -1.82
C ILE A 304 -15.12 17.68 -0.46
N ASP A 305 -16.22 16.93 -0.37
CA ASP A 305 -16.63 16.25 0.86
C ASP A 305 -16.97 14.85 0.33
N MET A 306 -16.07 13.91 0.60
CA MET A 306 -16.21 12.57 0.10
C MET A 306 -15.79 11.44 1.02
N ASP A 307 -16.43 10.30 0.83
CA ASP A 307 -16.12 9.07 1.56
C ASP A 307 -14.90 8.56 0.80
N MET A 308 -13.77 8.41 1.48
CA MET A 308 -12.55 7.98 0.83
C MET A 308 -12.09 6.57 1.16
N ASN A 309 -13.00 5.76 1.67
CA ASN A 309 -12.66 4.40 2.05
C ASN A 309 -12.10 3.54 0.93
N HIS A 310 -12.44 3.84 -0.32
CA HIS A 310 -11.96 3.08 -1.47
C HIS A 310 -10.55 3.45 -1.93
N ILE A 311 -9.98 4.54 -1.40
CA ILE A 311 -8.63 5.00 -1.78
C ILE A 311 -7.97 5.62 -0.55
N PRO A 312 -7.87 4.87 0.55
CA PRO A 312 -7.29 5.39 1.78
C PRO A 312 -5.89 5.98 1.70
N ASP A 313 -5.03 5.38 0.89
CA ASP A 313 -3.65 5.85 0.78
C ASP A 313 -3.56 7.11 -0.06
N ALA A 314 -4.07 7.05 -1.29
CA ALA A 314 -4.02 8.23 -2.13
C ALA A 314 -4.86 9.36 -1.51
N ALA A 315 -5.82 9.02 -0.66
CA ALA A 315 -6.64 10.05 -0.05
C ALA A 315 -5.81 11.05 0.77
N MET A 316 -4.67 10.61 1.30
CA MET A 316 -3.83 11.52 2.08
C MET A 316 -3.35 12.67 1.20
N THR A 317 -3.16 12.39 -0.08
CA THR A 317 -2.70 13.42 -0.98
C THR A 317 -3.75 14.52 -1.15
N ILE A 318 -5.03 14.15 -1.06
CA ILE A 318 -6.08 15.17 -1.13
C ILE A 318 -6.02 16.05 0.11
N ALA A 319 -5.62 15.48 1.25
CA ALA A 319 -5.55 16.28 2.49
C ALA A 319 -4.60 17.48 2.34
N THR A 320 -3.43 17.29 1.72
CA THR A 320 -2.55 18.44 1.53
C THR A 320 -2.96 19.23 0.28
N ALA A 321 -3.50 18.57 -0.73
CA ALA A 321 -3.95 19.32 -1.89
C ALA A 321 -5.07 20.27 -1.46
N ALA A 322 -5.84 19.90 -0.44
CA ALA A 322 -6.91 20.75 0.09
C ALA A 322 -6.40 22.13 0.52
N LEU A 323 -5.12 22.23 0.85
CA LEU A 323 -4.54 23.51 1.26
C LEU A 323 -4.66 24.54 0.15
N PHE A 324 -4.77 24.05 -1.09
CA PHE A 324 -4.83 24.90 -2.26
C PHE A 324 -6.22 25.02 -2.89
N ALA A 325 -7.19 24.37 -2.28
CA ALA A 325 -8.53 24.36 -2.83
C ALA A 325 -9.41 25.45 -2.23
N LYS A 326 -10.45 25.80 -2.97
CA LYS A 326 -11.40 26.82 -2.50
C LYS A 326 -12.46 26.15 -1.65
N GLY A 327 -12.51 26.52 -0.36
CA GLY A 327 -13.49 25.97 0.54
C GLY A 327 -12.94 24.93 1.49
N THR A 328 -13.83 24.31 2.26
CA THR A 328 -13.43 23.32 3.25
C THR A 328 -13.60 21.91 2.72
N THR A 329 -12.51 21.14 2.80
CA THR A 329 -12.52 19.75 2.33
C THR A 329 -12.75 18.81 3.50
N THR A 330 -13.57 17.80 3.26
CA THR A 330 -13.82 16.79 4.27
C THR A 330 -13.61 15.40 3.66
N LEU A 331 -12.75 14.60 4.31
CA LEU A 331 -12.45 13.24 3.86
C LEU A 331 -13.03 12.35 4.95
N ARG A 332 -13.94 11.48 4.56
CA ARG A 332 -14.64 10.61 5.51
C ARG A 332 -14.41 9.14 5.35
N ASN A 333 -14.77 8.39 6.40
CA ASN A 333 -14.70 6.95 6.45
C ASN A 333 -13.27 6.46 6.24
N ILE A 334 -12.35 7.07 6.96
CA ILE A 334 -10.95 6.71 6.86
C ILE A 334 -10.38 6.38 8.23
N TYR A 335 -11.18 5.70 9.04
CA TYR A 335 -10.70 5.31 10.35
C TYR A 335 -9.36 4.60 10.31
N ASN A 336 -9.17 3.68 9.36
CA ASN A 336 -7.91 2.94 9.44
C ASN A 336 -6.61 3.67 9.15
N TRP A 337 -6.73 4.96 8.85
CA TRP A 337 -5.54 5.80 8.76
C TRP A 337 -4.86 5.70 10.14
N ARG A 338 -5.65 5.47 11.20
CA ARG A 338 -5.09 5.43 12.55
C ARG A 338 -4.22 4.23 12.85
N VAL A 339 -4.35 3.16 12.07
CA VAL A 339 -3.58 1.95 12.33
C VAL A 339 -2.54 1.60 11.28
N LYS A 340 -2.11 2.60 10.52
CA LYS A 340 -1.10 2.35 9.50
C LYS A 340 0.32 2.77 9.89
N GLU A 341 1.11 3.31 8.96
CA GLU A 341 2.49 3.65 9.30
C GLU A 341 2.64 4.47 10.56
N THR A 342 1.63 5.31 10.80
CA THR A 342 1.51 6.11 12.02
C THR A 342 0.00 6.33 12.13
N ASP A 343 -0.45 7.00 13.19
CA ASP A 343 -1.88 7.32 13.24
C ASP A 343 -1.93 8.55 12.32
N ARG A 344 -2.36 8.31 11.10
CA ARG A 344 -2.40 9.33 10.08
C ARG A 344 -3.42 10.43 10.29
N LEU A 345 -4.50 10.16 11.03
CA LEU A 345 -5.46 11.24 11.26
C LEU A 345 -4.82 12.25 12.23
N PHE A 346 -4.17 11.75 13.28
CA PHE A 346 -3.50 12.63 14.23
C PHE A 346 -2.34 13.34 13.53
N ALA A 347 -1.52 12.58 12.80
CA ALA A 347 -0.36 13.16 12.16
C ALA A 347 -0.72 14.20 11.09
N MET A 348 -1.64 13.86 10.20
CA MET A 348 -2.05 14.80 9.17
C MET A 348 -2.65 16.07 9.77
N ALA A 349 -3.52 15.93 10.76
CA ALA A 349 -4.12 17.12 11.36
C ALA A 349 -3.06 18.01 12.02
N THR A 350 -2.13 17.38 12.73
CA THR A 350 -1.08 18.10 13.43
C THR A 350 -0.20 18.88 12.46
N GLU A 351 0.24 18.23 11.39
CA GLU A 351 1.16 18.91 10.48
C GLU A 351 0.45 19.95 9.59
N LEU A 352 -0.79 19.68 9.21
CA LEU A 352 -1.54 20.65 8.40
C LEU A 352 -1.72 21.94 9.20
N ARG A 353 -1.95 21.83 10.50
CA ARG A 353 -2.13 23.04 11.30
C ARG A 353 -0.84 23.87 11.34
N LYS A 354 0.30 23.19 11.25
CA LYS A 354 1.57 23.90 11.31
C LYS A 354 1.80 24.83 10.15
N VAL A 355 1.20 24.54 8.99
CA VAL A 355 1.34 25.42 7.84
C VAL A 355 0.17 26.42 7.73
N GLY A 356 -0.69 26.44 8.75
CA GLY A 356 -1.77 27.42 8.81
C GLY A 356 -3.22 26.99 8.66
N ALA A 357 -3.47 25.73 8.33
CA ALA A 357 -4.85 25.29 8.16
C ALA A 357 -5.57 25.14 9.49
N GLU A 358 -6.89 25.28 9.45
CA GLU A 358 -7.75 25.04 10.60
C GLU A 358 -8.24 23.63 10.29
N VAL A 359 -8.03 22.72 11.22
CA VAL A 359 -8.36 21.31 10.99
C VAL A 359 -9.14 20.66 12.10
N GLU A 360 -10.20 19.93 11.73
CA GLU A 360 -10.94 19.18 12.71
C GLU A 360 -10.50 17.74 12.53
N GLU A 361 -9.88 17.18 13.55
CA GLU A 361 -9.47 15.79 13.50
C GLU A 361 -10.64 14.98 14.02
N GLY A 362 -11.42 14.41 13.10
CA GLY A 362 -12.55 13.60 13.50
C GLY A 362 -12.11 12.19 13.87
N HIS A 363 -12.98 11.44 14.54
CA HIS A 363 -12.56 10.10 14.87
C HIS A 363 -12.20 9.26 13.64
N ASP A 364 -12.96 9.42 12.56
CA ASP A 364 -12.72 8.68 11.33
C ASP A 364 -12.86 9.56 10.09
N TYR A 365 -12.60 10.84 10.25
CA TYR A 365 -12.64 11.79 9.15
C TYR A 365 -11.76 12.97 9.49
N ILE A 366 -11.49 13.80 8.51
CA ILE A 366 -10.71 15.01 8.73
C ILE A 366 -11.35 16.12 7.91
N ARG A 367 -11.45 17.32 8.51
CA ARG A 367 -12.05 18.48 7.84
C ARG A 367 -10.96 19.54 7.82
N ILE A 368 -10.67 20.05 6.63
CA ILE A 368 -9.59 20.99 6.42
C ILE A 368 -10.02 22.30 5.80
N THR A 369 -9.77 23.40 6.51
CA THR A 369 -10.10 24.72 6.00
C THR A 369 -8.76 25.40 5.76
N PRO A 370 -8.43 25.65 4.49
CA PRO A 370 -7.15 26.27 4.19
C PRO A 370 -7.00 27.69 4.65
N PRO A 371 -5.76 28.12 4.87
CA PRO A 371 -5.50 29.48 5.31
C PRO A 371 -5.46 30.34 4.06
N GLU A 372 -5.53 31.66 4.24
CA GLU A 372 -5.44 32.57 3.11
C GLU A 372 -4.07 32.37 2.48
N LYS A 373 -3.06 32.18 3.31
CA LYS A 373 -1.71 31.92 2.80
C LYS A 373 -0.99 30.96 3.73
N LEU A 374 -0.17 30.10 3.15
CA LEU A 374 0.57 29.14 3.92
C LEU A 374 1.78 29.77 4.56
N ASN A 375 2.24 29.18 5.65
CA ASN A 375 3.45 29.67 6.28
C ASN A 375 4.47 28.55 6.32
N PHE A 376 5.72 28.92 6.52
CA PHE A 376 6.77 27.92 6.62
C PHE A 376 6.60 27.01 7.84
N ALA A 377 6.92 25.74 7.66
CA ALA A 377 6.91 24.82 8.77
C ALA A 377 7.93 23.72 8.52
N GLU A 378 8.44 23.17 9.62
CA GLU A 378 9.34 22.04 9.62
C GLU A 378 8.37 20.89 9.89
N ILE A 379 8.16 20.06 8.89
CA ILE A 379 7.18 18.96 8.99
C ILE A 379 7.71 17.66 9.55
N ALA A 380 7.08 17.16 10.61
CA ALA A 380 7.46 15.88 11.21
C ALA A 380 6.83 14.82 10.30
N THR A 381 7.54 13.71 10.09
CA THR A 381 7.05 12.69 9.19
C THR A 381 6.66 11.34 9.76
N TYR A 382 6.85 11.16 11.07
CA TYR A 382 6.33 9.97 11.77
C TYR A 382 6.72 8.63 11.16
N ASN A 383 7.92 8.54 10.59
CA ASN A 383 8.40 7.31 9.94
C ASN A 383 7.37 6.87 8.89
N ASP A 384 6.72 7.85 8.26
CA ASP A 384 5.67 7.58 7.29
C ASP A 384 5.97 8.20 5.94
N HIS A 385 6.35 7.35 4.99
CA HIS A 385 6.64 7.80 3.63
C HIS A 385 5.60 8.78 3.10
N ARG A 386 4.31 8.54 3.35
CA ARG A 386 3.31 9.43 2.79
C ARG A 386 3.23 10.79 3.45
N MET A 387 3.64 10.92 4.70
CA MET A 387 3.62 12.24 5.32
C MET A 387 4.66 13.07 4.58
N ALA A 388 5.81 12.47 4.28
CA ALA A 388 6.84 13.21 3.56
C ALA A 388 6.37 13.60 2.14
N MET A 389 5.77 12.65 1.44
CA MET A 389 5.35 12.95 0.08
C MET A 389 4.15 13.90 0.03
N CYS A 390 3.20 13.74 0.93
CA CYS A 390 2.04 14.65 0.92
C CYS A 390 2.47 16.09 1.21
N PHE A 391 3.34 16.27 2.19
CA PHE A 391 3.73 17.63 2.55
C PHE A 391 4.72 18.28 1.60
N SER A 392 5.31 17.50 0.71
CA SER A 392 6.20 18.07 -0.31
C SER A 392 5.37 19.03 -1.16
N LEU A 393 4.05 18.78 -1.25
CA LEU A 393 3.17 19.62 -2.05
C LEU A 393 3.04 21.04 -1.51
N VAL A 394 3.41 21.26 -0.25
CA VAL A 394 3.33 22.57 0.35
C VAL A 394 4.22 23.53 -0.47
N ALA A 395 5.31 23.02 -1.07
CA ALA A 395 6.23 23.85 -1.85
C ALA A 395 5.63 24.38 -3.16
N LEU A 396 4.41 23.95 -3.50
CA LEU A 396 3.74 24.45 -4.72
C LEU A 396 3.03 25.73 -4.32
N SER A 397 3.65 26.50 -3.45
CA SER A 397 3.07 27.76 -2.96
C SER A 397 4.21 28.77 -2.98
N ASP A 398 4.02 29.90 -2.31
CA ASP A 398 5.07 30.91 -2.22
C ASP A 398 6.04 30.65 -1.08
N THR A 399 5.79 29.59 -0.31
CA THR A 399 6.68 29.29 0.82
C THR A 399 7.41 27.98 0.70
N PRO A 400 8.66 27.95 1.21
CA PRO A 400 9.42 26.70 1.18
C PRO A 400 8.85 25.84 2.32
N VAL A 401 9.26 24.58 2.39
CA VAL A 401 8.81 23.71 3.48
C VAL A 401 10.02 22.82 3.78
N THR A 402 10.22 22.49 5.05
CA THR A 402 11.31 21.62 5.43
C THR A 402 10.65 20.32 5.84
N ILE A 403 11.12 19.24 5.26
CA ILE A 403 10.58 17.90 5.53
C ILE A 403 11.59 17.12 6.37
N LEU A 404 11.23 16.72 7.58
CA LEU A 404 12.15 15.94 8.41
C LEU A 404 12.24 14.48 7.93
N ASP A 405 13.42 13.88 8.09
CA ASP A 405 13.64 12.47 7.72
C ASP A 405 13.08 12.15 6.33
N PRO A 406 13.50 12.89 5.30
CA PRO A 406 12.99 12.64 3.96
C PRO A 406 13.22 11.24 3.42
N LYS A 407 14.24 10.53 3.92
CA LYS A 407 14.48 9.17 3.46
C LYS A 407 13.39 8.19 3.86
N CYS A 408 12.44 8.63 4.67
CA CYS A 408 11.35 7.73 5.07
C CYS A 408 10.52 7.39 3.82
N THR A 409 10.68 8.16 2.75
CA THR A 409 9.92 7.86 1.53
C THR A 409 10.35 6.52 0.95
N ALA A 410 11.50 6.02 1.38
CA ALA A 410 12.03 4.75 0.88
C ALA A 410 11.12 3.56 1.15
N LYS A 411 10.14 3.70 2.03
CA LYS A 411 9.23 2.57 2.28
C LYS A 411 8.62 2.10 0.95
N THR A 412 8.25 3.06 0.11
CA THR A 412 7.66 2.73 -1.19
C THR A 412 8.21 3.51 -2.36
N PHE A 413 9.01 4.55 -2.12
CA PHE A 413 9.42 5.39 -3.25
C PHE A 413 10.72 6.11 -2.90
N PRO A 414 11.83 5.37 -2.93
CA PRO A 414 13.14 5.93 -2.61
C PRO A 414 13.52 7.18 -3.40
N ASP A 415 13.17 7.20 -4.68
CA ASP A 415 13.54 8.33 -5.53
C ASP A 415 12.49 9.43 -5.61
N TYR A 416 11.57 9.47 -4.64
CA TYR A 416 10.53 10.47 -4.69
C TYR A 416 10.96 11.90 -4.96
N PHE A 417 11.89 12.42 -4.16
CA PHE A 417 12.25 13.82 -4.33
C PHE A 417 12.94 14.15 -5.65
N GLU A 418 13.73 13.21 -6.16
CA GLU A 418 14.36 13.47 -7.44
C GLU A 418 13.28 13.48 -8.54
N GLN A 419 12.26 12.63 -8.41
CA GLN A 419 11.18 12.57 -9.38
C GLN A 419 10.32 13.85 -9.31
N LEU A 420 10.03 14.35 -8.10
CA LEU A 420 9.27 15.58 -7.97
C LEU A 420 10.07 16.73 -8.62
N ALA A 421 11.39 16.73 -8.40
CA ALA A 421 12.26 17.76 -8.97
C ALA A 421 12.21 17.70 -10.50
N ARG A 422 12.11 16.49 -11.06
CA ARG A 422 12.06 16.32 -12.51
C ARG A 422 10.93 17.11 -13.15
N ILE A 423 9.77 17.16 -12.50
CA ILE A 423 8.66 17.90 -13.07
C ILE A 423 8.54 19.32 -12.51
N SER A 424 9.43 19.71 -11.60
CA SER A 424 9.40 21.07 -11.02
C SER A 424 10.07 22.04 -11.98
N GLN A 425 9.37 23.11 -12.33
CA GLN A 425 9.91 24.10 -13.28
C GLN A 425 10.02 25.46 -12.62
N ALA A 426 11.00 26.24 -13.07
CA ALA A 426 11.23 27.55 -12.50
C ALA A 426 10.33 28.54 -13.18
N ALA A 427 9.99 28.23 -14.43
CA ALA A 427 9.14 29.07 -15.24
C ALA A 427 7.94 28.22 -15.63
CB SER B . -4.34 0.38 -13.56
OG SER B . -3.30 0.77 -14.44
C1 GPF C . 0.23 0.17 5.03
C2 GPF C . -0.09 2.36 3.85
C3 GPF C . 0.45 3.14 2.65
O1 GPF C . 1.28 -1.59 3.40
O2 GPF C . 0.06 -2.31 5.49
O3 GPF C . 2.36 -1.28 5.59
O4 GPF C . 1.28 2.56 1.87
P1 GPF C . 1.03 -1.36 4.85
O5 GPF C . 0.05 4.29 2.51
N1 GPF C . 0.50 1.03 3.89
C1 S3P D . -2.81 -2.71 0.74
C2 S3P D . -4.05 -2.47 1.37
C3 S3P D . -4.28 -1.23 2.21
C4 S3P D . -3.23 -0.12 1.91
C5 S3P D . -1.80 -0.68 1.88
C6 S3P D . -1.72 -1.77 0.81
C7 S3P D . -2.66 -3.97 -0.08
O1 S3P D . -4.39 -1.59 3.66
O2 S3P D . -3.40 0.93 2.87
O3 S3P D . -0.87 0.37 1.57
O4 S3P D . -3.49 -4.88 0.11
O5 S3P D . -1.79 -3.98 -0.92
P1 S3P D . -5.85 -1.71 4.54
O6 S3P D . -6.67 -2.82 3.98
O7 S3P D . -6.56 -0.39 4.37
O8 S3P D . -5.51 -2.01 5.94
C FMT E . 17.16 -10.72 -12.98
O1 FMT E . 18.20 -11.38 -12.72
O2 FMT E . 17.07 -9.94 -13.96
C FMT F . 6.28 -19.13 22.57
O1 FMT F . 5.80 -18.42 23.50
O2 FMT F . 7.50 -19.08 22.24
C FMT G . -8.19 27.11 -7.06
O1 FMT G . -8.19 27.78 -6.00
O2 FMT G . -9.16 27.11 -7.87
C FMT H . 17.93 -15.76 -2.83
O1 FMT H . 18.40 -16.24 -3.90
O2 FMT H . 18.54 -14.90 -2.13
C FMT I . 0.71 30.42 -0.67
O1 FMT I . 1.89 30.78 -0.66
O2 FMT I . 0.02 30.36 0.37
C FMT J . -14.62 2.83 14.19
O1 FMT J . -14.15 2.01 13.38
O2 FMT J . -14.02 3.22 15.21
C FMT K . 10.00 -19.22 -19.72
O1 FMT K . 11.07 -19.58 -19.18
O2 FMT K . 9.95 -18.40 -20.68
C FMT L . -2.02 -4.83 28.56
O1 FMT L . -2.75 -4.95 27.55
O2 FMT L . -0.87 -4.31 28.53
#